data_1KJW
#
_entry.id   1KJW
#
_cell.length_a   60.509
_cell.length_b   60.509
_cell.length_c   209.956
_cell.angle_alpha   90.00
_cell.angle_beta   90.00
_cell.angle_gamma   90.00
#
_symmetry.space_group_name_H-M   'P 41 21 2'
#
loop_
_entity.id
_entity.type
_entity.pdbx_description
1 polymer 'POSTSYNAPTIC DENSITY PROTEIN 95'
2 non-polymer 'SULFATE ION'
3 water water
#
_entity_poly.entity_id   1
_entity_poly.type   'polypeptide(L)'
_entity_poly.pdbx_seq_one_letter_code
;GFYIRALFDYDKTKDCGFLSQALSFRFGDVLHVIDAGDEEWWQARRVHSDSETDDIGFIPSKRRVERREWSRLKAKDWGS
SSGSQGREDSVLSYETVTQMEVHYARPIIILGPTKDRANDDLLSEFPDKFGSCVPHTTRPKREYEIDGRDYHFVSSREKM
EKDIQAHKFIEAGQYNSHLYGTSVQSVREVAEQGKHCILDVSANAVRRLQAAHLHPIAIFIRPRSLENVLEINKRITEEQ
ARKAFDRATKLEQEFTECFSAIVEGDSFEEIYHKVKRVIEDLSGPYIWVPARERL
;
_entity_poly.pdbx_strand_id   A
#
# COMPACT_ATOMS: atom_id res chain seq x y z
N GLY A 1 -15.00 -16.37 16.03
CA GLY A 1 -15.08 -15.95 14.60
C GLY A 1 -13.71 -15.77 13.97
N PHE A 2 -13.60 -14.82 13.06
CA PHE A 2 -12.32 -14.55 12.40
C PHE A 2 -12.25 -13.11 11.92
N TYR A 3 -11.12 -12.73 11.34
CA TYR A 3 -10.96 -11.34 10.88
C TYR A 3 -10.61 -11.20 9.42
N ILE A 4 -11.19 -10.20 8.78
CA ILE A 4 -10.92 -9.93 7.39
C ILE A 4 -10.72 -8.43 7.22
N ARG A 5 -10.06 -8.04 6.13
CA ARG A 5 -9.82 -6.63 5.86
C ARG A 5 -10.59 -6.29 4.60
N ALA A 6 -11.32 -5.18 4.62
CA ALA A 6 -12.10 -4.75 3.45
C ALA A 6 -11.18 -4.18 2.38
N LEU A 7 -11.42 -4.55 1.12
CA LEU A 7 -10.61 -4.04 0.02
C LEU A 7 -11.42 -3.12 -0.89
N PHE A 8 -12.54 -2.65 -0.38
CA PHE A 8 -13.41 -1.74 -1.14
C PHE A 8 -14.29 -0.99 -0.13
N ASP A 9 -14.94 0.08 -0.59
CA ASP A 9 -15.81 0.88 0.27
C ASP A 9 -17.25 0.39 0.11
N TYR A 10 -17.97 0.29 1.22
CA TYR A 10 -19.35 -0.20 1.17
C TYR A 10 -20.31 0.59 2.05
N ASP A 11 -21.41 1.05 1.46
CA ASP A 11 -22.41 1.79 2.21
C ASP A 11 -23.72 1.73 1.44
N LYS A 12 -24.50 0.69 1.71
CA LYS A 12 -25.76 0.47 1.02
C LYS A 12 -26.75 1.61 1.18
N THR A 13 -26.88 2.11 2.41
CA THR A 13 -27.82 3.20 2.67
C THR A 13 -27.46 4.44 1.85
N LYS A 14 -26.19 4.80 1.85
CA LYS A 14 -25.76 5.98 1.10
C LYS A 14 -25.94 5.76 -0.39
N ASP A 15 -25.76 4.52 -0.83
CA ASP A 15 -25.88 4.18 -2.24
C ASP A 15 -27.31 4.15 -2.81
N CYS A 16 -28.26 3.59 -2.07
CA CYS A 16 -29.63 3.50 -2.58
C CYS A 16 -30.71 3.94 -1.61
N GLY A 17 -30.32 4.36 -0.41
CA GLY A 17 -31.31 4.81 0.57
C GLY A 17 -31.96 3.69 1.35
N PHE A 18 -31.51 2.45 1.14
CA PHE A 18 -32.10 1.31 1.83
C PHE A 18 -31.54 1.17 3.25
N LEU A 19 -32.44 1.19 4.23
CA LEU A 19 -32.06 1.04 5.62
C LEU A 19 -32.11 -0.42 6.02
N SER A 20 -31.06 -0.89 6.69
CA SER A 20 -31.02 -2.29 7.13
C SER A 20 -29.92 -2.47 8.14
N GLN A 21 -29.68 -3.71 8.54
CA GLN A 21 -28.64 -4.01 9.50
C GLN A 21 -27.28 -4.20 8.81
N ALA A 22 -27.21 -3.85 7.53
CA ALA A 22 -25.95 -3.98 6.80
C ALA A 22 -24.97 -2.96 7.36
N LEU A 23 -23.72 -3.39 7.57
CA LEU A 23 -22.70 -2.49 8.10
C LEU A 23 -22.08 -1.73 6.94
N SER A 24 -21.57 -0.54 7.23
CA SER A 24 -20.91 0.25 6.21
C SER A 24 -19.43 0.22 6.59
N PHE A 25 -18.55 0.25 5.60
CA PHE A 25 -17.12 0.25 5.89
C PHE A 25 -16.35 0.81 4.72
N ARG A 26 -15.08 1.12 4.94
CA ARG A 26 -14.24 1.67 3.88
C ARG A 26 -13.01 0.83 3.69
N PHE A 27 -12.31 1.05 2.58
CA PHE A 27 -11.11 0.31 2.29
C PHE A 27 -10.16 0.29 3.48
N GLY A 28 -9.64 -0.89 3.78
CA GLY A 28 -8.68 -0.99 4.88
C GLY A 28 -9.23 -1.34 6.23
N ASP A 29 -10.55 -1.22 6.40
CA ASP A 29 -11.17 -1.55 7.66
C ASP A 29 -11.02 -3.03 7.98
N VAL A 30 -10.66 -3.34 9.22
CA VAL A 30 -10.55 -4.72 9.66
C VAL A 30 -11.91 -5.04 10.26
N LEU A 31 -12.48 -6.16 9.86
CA LEU A 31 -13.80 -6.56 10.33
C LEU A 31 -13.74 -7.88 11.09
N HIS A 32 -14.42 -7.93 12.23
CA HIS A 32 -14.48 -9.14 13.02
C HIS A 32 -15.73 -9.87 12.56
N VAL A 33 -15.56 -10.99 11.88
CA VAL A 33 -16.69 -11.76 11.40
C VAL A 33 -17.11 -12.76 12.48
N ILE A 34 -18.34 -12.61 12.94
CA ILE A 34 -18.90 -13.47 14.00
C ILE A 34 -19.58 -14.72 13.47
N ASP A 35 -20.16 -14.64 12.28
CA ASP A 35 -20.84 -15.78 11.68
C ASP A 35 -20.85 -15.66 10.17
N ALA A 36 -20.16 -16.57 9.51
CA ALA A 36 -20.10 -16.56 8.05
C ALA A 36 -20.62 -17.87 7.49
N GLY A 37 -21.64 -18.43 8.14
CA GLY A 37 -22.21 -19.68 7.67
C GLY A 37 -23.01 -19.47 6.39
N ASP A 38 -23.73 -18.36 6.32
CA ASP A 38 -24.52 -18.04 5.15
C ASP A 38 -23.61 -17.70 3.99
N GLU A 39 -24.05 -18.04 2.78
CA GLU A 39 -23.24 -17.79 1.59
C GLU A 39 -23.39 -16.38 1.01
N GLU A 40 -24.33 -15.62 1.54
CA GLU A 40 -24.58 -14.28 1.01
C GLU A 40 -24.34 -13.12 1.98
N TRP A 41 -24.67 -13.31 3.25
CA TRP A 41 -24.50 -12.26 4.25
C TRP A 41 -23.83 -12.79 5.50
N TRP A 42 -22.77 -12.09 5.94
CA TRP A 42 -22.03 -12.49 7.12
C TRP A 42 -22.24 -11.50 8.25
N GLN A 43 -22.32 -12.01 9.48
CA GLN A 43 -22.49 -11.15 10.65
C GLN A 43 -21.09 -10.65 11.02
N ALA A 44 -20.95 -9.35 11.23
CA ALA A 44 -19.65 -8.79 11.58
C ALA A 44 -19.75 -7.44 12.27
N ARG A 45 -18.60 -6.98 12.78
CA ARG A 45 -18.52 -5.69 13.45
C ARG A 45 -17.15 -5.11 13.15
N ARG A 46 -17.09 -3.81 12.93
CA ARG A 46 -15.82 -3.16 12.62
C ARG A 46 -14.89 -3.14 13.83
N VAL A 47 -13.61 -3.38 13.58
CA VAL A 47 -12.61 -3.38 14.64
C VAL A 47 -12.06 -1.96 14.73
N HIS A 48 -12.41 -1.25 15.82
CA HIS A 48 -11.94 0.11 16.03
C HIS A 48 -10.49 0.09 16.51
N SER A 49 -9.88 1.27 16.62
CA SER A 49 -8.51 1.36 17.10
C SER A 49 -8.52 1.37 18.62
N ASP A 50 -9.65 0.96 19.20
CA ASP A 50 -9.82 0.93 20.65
C ASP A 50 -10.95 0.00 21.08
N SER A 51 -12.17 0.34 20.69
CA SER A 51 -13.35 -0.45 21.05
C SER A 51 -13.85 -1.30 19.88
N GLU A 52 -13.52 -2.59 19.90
CA GLU A 52 -13.95 -3.51 18.85
C GLU A 52 -15.46 -3.62 18.82
N THR A 53 -16.08 -3.60 20.00
CA THR A 53 -17.53 -3.70 20.11
C THR A 53 -18.14 -2.34 19.77
N ASP A 54 -19.22 -2.34 19.01
CA ASP A 54 -19.87 -1.10 18.62
C ASP A 54 -21.24 -1.33 18.00
N ASP A 55 -21.28 -2.21 17.00
CA ASP A 55 -22.54 -2.51 16.32
C ASP A 55 -22.42 -3.72 15.40
N ILE A 56 -23.01 -4.84 15.80
CA ILE A 56 -22.96 -6.03 14.97
C ILE A 56 -23.91 -5.83 13.81
N GLY A 57 -23.41 -6.01 12.59
CA GLY A 57 -24.24 -5.84 11.41
C GLY A 57 -23.97 -6.94 10.41
N PHE A 58 -24.34 -6.71 9.17
CA PHE A 58 -24.12 -7.70 8.13
C PHE A 58 -23.32 -7.13 6.97
N ILE A 59 -22.45 -7.95 6.39
CA ILE A 59 -21.67 -7.53 5.25
C ILE A 59 -21.88 -8.54 4.14
N PRO A 60 -21.80 -8.08 2.87
CA PRO A 60 -21.98 -9.01 1.77
C PRO A 60 -20.80 -9.97 1.69
N SER A 61 -21.09 -11.23 1.39
CA SER A 61 -20.05 -12.25 1.29
C SER A 61 -19.17 -11.98 0.08
N LYS A 62 -18.03 -12.67 0.02
CA LYS A 62 -17.12 -12.55 -1.11
C LYS A 62 -17.91 -12.95 -2.37
N ARG A 63 -18.66 -14.05 -2.27
CA ARG A 63 -19.47 -14.54 -3.39
C ARG A 63 -20.42 -13.46 -3.90
N ARG A 64 -21.12 -12.81 -2.99
CA ARG A 64 -22.08 -11.77 -3.35
C ARG A 64 -21.42 -10.57 -4.01
N VAL A 65 -20.28 -10.15 -3.48
CA VAL A 65 -19.54 -9.03 -4.03
C VAL A 65 -19.06 -9.35 -5.45
N GLU A 66 -18.56 -10.57 -5.64
CA GLU A 66 -18.10 -10.96 -6.96
C GLU A 66 -19.26 -11.05 -7.96
N ARG A 67 -20.37 -11.62 -7.55
CA ARG A 67 -21.52 -11.74 -8.46
C ARG A 67 -21.97 -10.37 -8.94
N ARG A 68 -22.05 -9.41 -8.01
CA ARG A 68 -22.48 -8.06 -8.35
C ARG A 68 -21.51 -7.39 -9.33
N GLU A 69 -20.22 -7.50 -9.07
CA GLU A 69 -19.24 -6.89 -9.94
C GLU A 69 -19.22 -7.50 -11.35
N TRP A 70 -19.30 -8.82 -11.44
CA TRP A 70 -19.28 -9.47 -12.75
C TRP A 70 -20.53 -9.09 -13.55
N SER A 71 -21.62 -8.82 -12.84
CA SER A 71 -22.89 -8.47 -13.49
C SER A 71 -22.86 -7.16 -14.27
N ARG A 72 -21.78 -6.40 -14.14
CA ARG A 72 -21.67 -5.13 -14.85
C ARG A 72 -21.15 -5.30 -16.28
N LEU A 73 -20.81 -4.19 -16.94
CA LEU A 73 -20.36 -4.24 -18.33
C LEU A 73 -19.62 -5.49 -18.79
N LYS A 74 -19.92 -5.90 -20.02
CA LYS A 74 -19.35 -7.07 -20.68
C LYS A 74 -18.58 -8.02 -19.76
N TRP A 78 -19.91 -7.59 -31.07
CA TRP A 78 -18.54 -7.49 -30.58
C TRP A 78 -18.07 -6.04 -30.52
N GLY A 79 -17.36 -5.70 -29.45
CA GLY A 79 -16.86 -4.34 -29.30
C GLY A 79 -15.40 -4.23 -29.71
N SER A 80 -15.17 -4.19 -31.03
CA SER A 80 -13.81 -4.09 -31.56
C SER A 80 -12.92 -5.21 -31.06
N SER A 81 -13.49 -6.40 -30.91
CA SER A 81 -12.72 -7.55 -30.43
C SER A 81 -11.71 -8.02 -31.46
N SER A 82 -10.44 -7.99 -31.08
CA SER A 82 -9.37 -8.42 -31.97
C SER A 82 -9.29 -9.94 -32.00
N GLY A 83 -9.97 -10.58 -31.06
CA GLY A 83 -9.96 -12.03 -31.00
C GLY A 83 -8.97 -12.53 -29.96
N SER A 84 -8.29 -11.61 -29.29
CA SER A 84 -7.33 -11.97 -28.26
C SER A 84 -8.00 -11.83 -26.88
N GLN A 85 -7.53 -12.61 -25.91
CA GLN A 85 -8.11 -12.55 -24.57
C GLN A 85 -7.87 -11.21 -23.91
N GLY A 86 -8.84 -10.77 -23.10
CA GLY A 86 -8.70 -9.50 -22.41
C GLY A 86 -8.03 -9.74 -21.06
N ARG A 87 -7.83 -8.67 -20.29
CA ARG A 87 -7.22 -8.81 -18.97
C ARG A 87 -8.09 -9.69 -18.08
N GLU A 88 -7.45 -10.57 -17.31
CA GLU A 88 -8.17 -11.49 -16.43
C GLU A 88 -9.07 -10.77 -15.44
N ASP A 89 -10.32 -11.24 -15.36
CA ASP A 89 -11.29 -10.66 -14.44
C ASP A 89 -10.84 -10.89 -13.00
N SER A 90 -10.73 -9.80 -12.24
CA SER A 90 -10.30 -9.88 -10.85
C SER A 90 -11.17 -8.99 -9.97
N VAL A 91 -11.86 -9.59 -9.03
CA VAL A 91 -12.72 -8.81 -8.13
C VAL A 91 -12.16 -8.80 -6.72
N LEU A 92 -11.89 -7.61 -6.20
CA LEU A 92 -11.39 -7.52 -4.84
C LEU A 92 -12.58 -7.38 -3.90
N SER A 93 -12.55 -8.14 -2.81
CA SER A 93 -13.63 -8.08 -1.83
C SER A 93 -12.96 -7.98 -0.46
N TYR A 94 -12.51 -9.09 0.08
CA TYR A 94 -11.86 -9.09 1.38
C TYR A 94 -10.61 -9.95 1.40
N GLU A 95 -9.80 -9.75 2.44
CA GLU A 95 -8.57 -10.49 2.64
C GLU A 95 -8.56 -10.95 4.10
N THR A 96 -8.35 -12.23 4.35
CA THR A 96 -8.32 -12.68 5.74
C THR A 96 -7.05 -12.12 6.37
N VAL A 97 -7.15 -11.73 7.64
CA VAL A 97 -5.99 -11.19 8.34
C VAL A 97 -5.92 -11.70 9.78
N THR A 98 -4.75 -11.54 10.38
CA THR A 98 -4.55 -11.97 11.74
C THR A 98 -3.63 -10.95 12.42
N GLN A 99 -3.81 -10.80 13.72
CA GLN A 99 -3.02 -9.83 14.47
C GLN A 99 -1.74 -10.49 14.95
N MET A 100 -0.64 -9.75 14.87
CA MET A 100 0.64 -10.26 15.33
C MET A 100 1.45 -9.13 15.92
N GLU A 101 2.37 -9.47 16.82
CA GLU A 101 3.20 -8.46 17.45
C GLU A 101 4.51 -8.34 16.69
N VAL A 102 4.94 -7.11 16.46
CA VAL A 102 6.19 -6.87 15.76
C VAL A 102 7.14 -6.11 16.69
N HIS A 103 8.43 -6.35 16.53
CA HIS A 103 9.44 -5.69 17.36
C HIS A 103 10.34 -4.78 16.53
N TYR A 104 9.92 -4.50 15.28
CA TYR A 104 10.69 -3.63 14.40
C TYR A 104 9.79 -2.50 13.92
N ALA A 105 10.40 -1.42 13.45
CA ALA A 105 9.63 -0.29 12.93
C ALA A 105 9.28 -0.66 11.50
N ARG A 106 8.00 -0.56 11.15
CA ARG A 106 7.56 -0.91 9.80
C ARG A 106 8.06 0.05 8.74
N PRO A 107 8.59 -0.50 7.63
CA PRO A 107 9.06 0.40 6.58
C PRO A 107 7.84 1.11 6.01
N ILE A 108 8.08 2.24 5.36
CA ILE A 108 7.00 3.04 4.80
C ILE A 108 7.11 3.20 3.30
N ILE A 109 5.99 3.03 2.60
CA ILE A 109 5.95 3.21 1.15
C ILE A 109 4.77 4.13 0.80
N ILE A 110 5.06 5.39 0.54
CA ILE A 110 4.02 6.33 0.16
C ILE A 110 3.95 6.34 -1.37
N LEU A 111 2.72 6.28 -1.89
CA LEU A 111 2.50 6.24 -3.33
C LEU A 111 1.49 7.29 -3.80
N GLY A 112 1.54 7.64 -5.08
CA GLY A 112 0.60 8.61 -5.61
C GLY A 112 1.19 10.01 -5.67
N PRO A 113 0.44 10.99 -6.20
CA PRO A 113 0.92 12.37 -6.31
C PRO A 113 1.30 12.97 -4.95
N THR A 114 2.41 13.71 -4.96
CA THR A 114 3.01 14.41 -3.81
C THR A 114 3.73 13.48 -2.84
N LYS A 115 3.92 12.22 -3.23
CA LYS A 115 4.60 11.28 -2.35
C LYS A 115 6.02 11.73 -2.01
N ASP A 116 6.70 12.40 -2.94
CA ASP A 116 8.07 12.87 -2.69
C ASP A 116 8.09 13.94 -1.61
N ARG A 117 7.11 14.85 -1.66
CA ARG A 117 7.05 15.91 -0.65
C ARG A 117 6.74 15.29 0.71
N ALA A 118 5.81 14.33 0.74
CA ALA A 118 5.47 13.68 1.99
C ALA A 118 6.71 12.99 2.56
N ASN A 119 7.44 12.29 1.70
CA ASN A 119 8.65 11.59 2.14
C ASN A 119 9.67 12.59 2.71
N ASP A 120 9.95 13.65 1.97
CA ASP A 120 10.91 14.66 2.43
C ASP A 120 10.50 15.30 3.74
N ASP A 121 9.22 15.63 3.87
CA ASP A 121 8.73 16.30 5.07
C ASP A 121 8.78 15.40 6.30
N LEU A 122 8.46 14.12 6.14
CA LEU A 122 8.53 13.21 7.28
C LEU A 122 9.98 13.05 7.72
N LEU A 123 10.87 12.89 6.75
CA LEU A 123 12.30 12.71 7.04
C LEU A 123 12.90 13.94 7.71
N SER A 124 12.43 15.11 7.29
CA SER A 124 12.93 16.36 7.84
C SER A 124 12.29 16.73 9.17
N GLU A 125 11.00 16.46 9.31
CA GLU A 125 10.27 16.80 10.53
C GLU A 125 10.49 15.87 11.72
N PHE A 126 10.70 14.59 11.46
CA PHE A 126 10.90 13.62 12.54
C PHE A 126 12.15 12.75 12.28
N PRO A 127 13.34 13.37 12.33
CA PRO A 127 14.60 12.64 12.09
C PRO A 127 14.89 11.44 13.00
N ASP A 128 14.31 11.40 14.18
CA ASP A 128 14.55 10.25 15.06
C ASP A 128 13.52 9.14 14.82
N LYS A 129 12.53 9.40 13.98
CA LYS A 129 11.50 8.39 13.70
C LYS A 129 11.60 7.81 12.30
N PHE A 130 12.08 8.60 11.36
CA PHE A 130 12.20 8.19 9.97
C PHE A 130 13.60 8.34 9.41
N GLY A 131 13.94 7.45 8.48
CA GLY A 131 15.25 7.48 7.85
C GLY A 131 15.18 6.73 6.53
N SER A 132 16.25 6.81 5.76
CA SER A 132 16.32 6.13 4.46
C SER A 132 17.36 5.03 4.61
N CYS A 133 17.34 4.05 3.71
CA CYS A 133 18.33 2.98 3.78
C CYS A 133 19.41 3.24 2.74
N VAL A 134 20.55 2.54 2.86
CA VAL A 134 21.64 2.72 1.91
C VAL A 134 21.46 1.77 0.74
N PRO A 135 21.37 2.32 -0.48
CA PRO A 135 21.19 1.51 -1.68
C PRO A 135 22.51 0.95 -2.20
N HIS A 136 22.40 -0.08 -3.04
CA HIS A 136 23.58 -0.70 -3.65
C HIS A 136 23.68 -0.22 -5.09
N THR A 137 24.90 -0.15 -5.62
CA THR A 137 25.10 0.21 -7.01
C THR A 137 26.38 -0.43 -7.51
N THR A 138 26.45 -0.67 -8.82
CA THR A 138 27.65 -1.26 -9.43
C THR A 138 28.47 -0.13 -10.02
N ARG A 139 27.93 1.09 -9.96
CA ARG A 139 28.63 2.26 -10.48
C ARG A 139 29.89 2.45 -9.64
N PRO A 140 31.02 2.82 -10.28
CA PRO A 140 32.23 3.00 -9.49
C PRO A 140 32.12 4.17 -8.53
N LYS A 141 32.70 4.02 -7.34
CA LYS A 141 32.65 5.06 -6.33
C LYS A 141 33.38 6.31 -6.80
N ARG A 142 32.74 7.47 -6.62
CA ARG A 142 33.37 8.71 -7.00
C ARG A 142 34.23 9.21 -5.84
N GLU A 143 35.13 10.13 -6.14
CA GLU A 143 36.05 10.71 -5.18
C GLU A 143 35.43 11.26 -3.90
N TYR A 144 34.30 11.92 -4.03
CA TYR A 144 33.61 12.54 -2.89
C TYR A 144 32.64 11.61 -2.16
N GLU A 145 32.39 10.43 -2.72
CA GLU A 145 31.45 9.50 -2.11
C GLU A 145 32.08 8.57 -1.06
N ILE A 146 31.24 8.09 -0.14
CA ILE A 146 31.68 7.19 0.91
C ILE A 146 30.97 5.85 0.84
N ASP A 147 31.74 4.77 0.71
CA ASP A 147 31.18 3.43 0.64
C ASP A 147 30.49 3.08 1.96
N GLY A 148 29.22 2.69 1.88
CA GLY A 148 28.49 2.36 3.09
C GLY A 148 27.63 3.49 3.59
N ARG A 149 27.74 4.66 2.94
CA ARG A 149 26.95 5.83 3.31
C ARG A 149 26.13 6.30 2.11
N ASP A 150 26.82 6.75 1.07
CA ASP A 150 26.15 7.20 -0.14
C ASP A 150 25.53 5.99 -0.83
N TYR A 151 26.33 4.94 -0.96
CA TYR A 151 25.89 3.68 -1.55
C TYR A 151 26.80 2.58 -1.03
N HIS A 152 26.36 1.35 -1.22
CA HIS A 152 27.16 0.18 -0.89
C HIS A 152 27.64 -0.12 -2.30
N PHE A 153 28.89 0.22 -2.60
CA PHE A 153 29.42 0.01 -3.93
C PHE A 153 29.84 -1.45 -4.14
N VAL A 154 29.24 -2.07 -5.16
CA VAL A 154 29.50 -3.45 -5.49
C VAL A 154 30.53 -3.49 -6.61
N SER A 155 31.66 -4.15 -6.38
CA SER A 155 32.71 -4.23 -7.38
C SER A 155 32.31 -5.12 -8.56
N SER A 156 31.64 -6.22 -8.27
CA SER A 156 31.22 -7.15 -9.30
C SER A 156 29.76 -7.01 -9.71
N ARG A 157 29.54 -6.60 -10.94
CA ARG A 157 28.18 -6.46 -11.45
C ARG A 157 27.55 -7.84 -11.54
N GLU A 158 28.39 -8.83 -11.84
CA GLU A 158 27.94 -10.21 -11.96
C GLU A 158 27.29 -10.66 -10.65
N LYS A 159 27.94 -10.33 -9.52
CA LYS A 159 27.41 -10.73 -8.23
C LYS A 159 26.06 -10.07 -7.92
N MET A 160 25.93 -8.79 -8.24
CA MET A 160 24.68 -8.10 -7.97
C MET A 160 23.55 -8.67 -8.82
N GLU A 161 23.87 -9.00 -10.07
CA GLU A 161 22.86 -9.57 -10.95
C GLU A 161 22.39 -10.90 -10.36
N LYS A 162 23.31 -11.64 -9.76
CA LYS A 162 22.99 -12.91 -9.13
C LYS A 162 22.16 -12.69 -7.88
N ASP A 163 22.51 -11.67 -7.11
CA ASP A 163 21.79 -11.36 -5.89
C ASP A 163 20.36 -10.91 -6.22
N ILE A 164 20.22 -10.20 -7.34
CA ILE A 164 18.91 -9.74 -7.79
C ILE A 164 18.06 -10.96 -8.14
N GLN A 165 18.63 -11.86 -8.94
CA GLN A 165 17.92 -13.07 -9.35
C GLN A 165 17.56 -13.91 -8.13
N ALA A 166 18.36 -13.78 -7.08
CA ALA A 166 18.11 -14.52 -5.84
C ALA A 166 17.12 -13.74 -4.97
N HIS A 167 16.55 -12.70 -5.56
CA HIS A 167 15.58 -11.82 -4.91
C HIS A 167 16.09 -11.21 -3.59
N LYS A 168 17.35 -10.76 -3.59
CA LYS A 168 17.93 -10.14 -2.39
C LYS A 168 17.55 -8.66 -2.29
N PHE A 169 16.97 -8.12 -3.35
CA PHE A 169 16.55 -6.72 -3.37
C PHE A 169 15.05 -6.59 -3.51
N ILE A 170 14.44 -5.70 -2.71
CA ILE A 170 13.00 -5.51 -2.79
C ILE A 170 12.70 -4.80 -4.10
N GLU A 171 13.70 -4.10 -4.64
CA GLU A 171 13.54 -3.40 -5.90
C GLU A 171 14.90 -3.01 -6.46
N ALA A 172 15.03 -3.12 -7.78
CA ALA A 172 16.29 -2.80 -8.44
C ALA A 172 16.04 -2.32 -9.87
N GLY A 173 17.06 -1.75 -10.48
CA GLY A 173 16.92 -1.26 -11.84
C GLY A 173 18.25 -0.84 -12.42
N GLN A 174 18.24 -0.39 -13.67
CA GLN A 174 19.47 0.05 -14.31
C GLN A 174 19.36 1.51 -14.71
N TYR A 175 20.47 2.23 -14.57
CA TYR A 175 20.55 3.63 -14.93
C TYR A 175 21.95 3.94 -15.41
N ASN A 176 22.07 4.56 -16.57
CA ASN A 176 23.37 4.90 -17.14
C ASN A 176 24.26 3.66 -17.24
N SER A 177 23.64 2.53 -17.55
CA SER A 177 24.34 1.26 -17.71
C SER A 177 24.84 0.63 -16.41
N HIS A 178 24.41 1.16 -15.27
CA HIS A 178 24.82 0.61 -13.98
C HIS A 178 23.59 0.14 -13.22
N LEU A 179 23.78 -0.84 -12.34
CA LEU A 179 22.68 -1.38 -11.55
C LEU A 179 22.56 -0.70 -10.19
N TYR A 180 21.33 -0.51 -9.75
CA TYR A 180 21.02 0.11 -8.47
C TYR A 180 19.93 -0.72 -7.81
N GLY A 181 19.91 -0.73 -6.48
CA GLY A 181 18.89 -1.50 -5.80
C GLY A 181 18.79 -1.25 -4.31
N THR A 182 17.62 -1.55 -3.76
CA THR A 182 17.35 -1.41 -2.34
C THR A 182 17.29 -2.83 -1.79
N SER A 183 18.29 -3.21 -1.02
CA SER A 183 18.34 -4.58 -0.51
C SER A 183 17.45 -4.84 0.70
N VAL A 184 16.97 -6.08 0.81
CA VAL A 184 16.16 -6.46 1.94
C VAL A 184 16.94 -6.18 3.22
N GLN A 185 18.22 -6.54 3.22
CA GLN A 185 19.08 -6.34 4.38
C GLN A 185 19.26 -4.88 4.79
N SER A 186 19.36 -3.97 3.82
CA SER A 186 19.52 -2.55 4.14
C SER A 186 18.25 -2.02 4.80
N VAL A 187 17.10 -2.48 4.35
CA VAL A 187 15.83 -2.06 4.93
C VAL A 187 15.72 -2.63 6.34
N ARG A 188 16.07 -3.91 6.48
CA ARG A 188 16.00 -4.57 7.78
C ARG A 188 16.86 -3.90 8.84
N GLU A 189 18.04 -3.41 8.45
CA GLU A 189 18.93 -2.77 9.40
C GLU A 189 18.28 -1.53 10.00
N VAL A 190 17.60 -0.76 9.15
CA VAL A 190 16.93 0.44 9.64
C VAL A 190 15.75 0.02 10.52
N ALA A 191 14.96 -0.92 10.02
CA ALA A 191 13.78 -1.40 10.75
C ALA A 191 14.09 -1.93 12.14
N GLU A 192 15.12 -2.75 12.26
CA GLU A 192 15.47 -3.33 13.55
C GLU A 192 16.03 -2.33 14.56
N GLN A 193 16.47 -1.17 14.07
CA GLN A 193 16.99 -0.14 14.96
C GLN A 193 15.85 0.71 15.50
N GLY A 194 14.62 0.38 15.09
CA GLY A 194 13.46 1.11 15.56
C GLY A 194 13.11 2.38 14.78
N LYS A 195 13.62 2.50 13.56
CA LYS A 195 13.33 3.67 12.73
C LYS A 195 12.50 3.23 11.51
N HIS A 196 11.49 4.01 11.17
CA HIS A 196 10.66 3.70 10.01
C HIS A 196 11.45 4.08 8.77
N CYS A 197 11.67 3.09 7.90
CA CYS A 197 12.45 3.32 6.69
C CYS A 197 11.57 3.86 5.56
N ILE A 198 11.79 5.12 5.19
CA ILE A 198 11.03 5.74 4.12
C ILE A 198 11.60 5.18 2.82
N LEU A 199 10.76 4.44 2.10
CA LEU A 199 11.18 3.81 0.86
C LEU A 199 10.64 4.50 -0.39
N ASP A 200 11.53 4.72 -1.34
CA ASP A 200 11.16 5.34 -2.61
C ASP A 200 11.13 4.18 -3.62
N VAL A 201 10.15 3.30 -3.45
CA VAL A 201 9.97 2.13 -4.32
C VAL A 201 8.52 2.03 -4.78
N SER A 202 8.25 1.16 -5.75
CA SER A 202 6.90 0.98 -6.24
C SER A 202 6.12 0.02 -5.34
N ALA A 203 4.82 -0.07 -5.57
CA ALA A 203 3.96 -0.97 -4.80
C ALA A 203 4.39 -2.43 -5.00
N ASN A 204 5.17 -2.69 -6.04
CA ASN A 204 5.65 -4.04 -6.32
C ASN A 204 6.47 -4.60 -5.15
N ALA A 205 7.12 -3.69 -4.40
CA ALA A 205 7.96 -4.09 -3.28
C ALA A 205 7.22 -4.62 -2.04
N VAL A 206 5.93 -4.36 -1.94
CA VAL A 206 5.18 -4.81 -0.77
C VAL A 206 5.26 -6.32 -0.57
N ARG A 207 4.97 -7.11 -1.61
CA ARG A 207 5.01 -8.56 -1.46
C ARG A 207 6.36 -9.07 -0.98
N ARG A 208 7.45 -8.54 -1.51
CA ARG A 208 8.77 -9.00 -1.11
C ARG A 208 9.06 -8.62 0.34
N LEU A 209 8.63 -7.43 0.76
CA LEU A 209 8.84 -7.02 2.14
C LEU A 209 8.03 -7.92 3.07
N GLN A 210 6.81 -8.26 2.67
CA GLN A 210 5.97 -9.14 3.48
C GLN A 210 6.68 -10.49 3.63
N ALA A 211 7.24 -10.99 2.53
CA ALA A 211 7.95 -12.27 2.55
C ALA A 211 9.17 -12.21 3.49
N ALA A 212 9.76 -11.02 3.60
CA ALA A 212 10.94 -10.82 4.44
C ALA A 212 10.56 -10.53 5.88
N HIS A 213 9.27 -10.57 6.18
CA HIS A 213 8.80 -10.31 7.53
C HIS A 213 9.11 -8.88 7.98
N LEU A 214 8.96 -7.95 7.04
CA LEU A 214 9.17 -6.52 7.30
C LEU A 214 7.92 -5.86 6.72
N HIS A 215 6.77 -6.20 7.28
CA HIS A 215 5.51 -5.66 6.79
C HIS A 215 5.49 -4.14 6.71
N PRO A 216 5.41 -3.59 5.49
CA PRO A 216 5.39 -2.13 5.30
C PRO A 216 4.02 -1.49 5.48
N ILE A 217 4.05 -0.18 5.69
CA ILE A 217 2.81 0.59 5.76
C ILE A 217 2.82 1.26 4.40
N ALA A 218 1.98 0.75 3.50
CA ALA A 218 1.89 1.28 2.16
C ALA A 218 0.66 2.17 2.08
N ILE A 219 0.90 3.44 1.82
CA ILE A 219 -0.17 4.44 1.77
C ILE A 219 -0.31 5.05 0.39
N PHE A 220 -1.49 4.90 -0.19
CA PHE A 220 -1.75 5.46 -1.50
C PHE A 220 -2.46 6.80 -1.35
N ILE A 221 -1.88 7.84 -1.93
CA ILE A 221 -2.49 9.18 -1.91
C ILE A 221 -3.32 9.19 -3.19
N ARG A 222 -4.63 9.10 -3.04
CA ARG A 222 -5.54 9.06 -4.18
C ARG A 222 -6.15 10.38 -4.60
N PRO A 223 -5.83 10.85 -5.81
CA PRO A 223 -6.41 12.11 -6.30
C PRO A 223 -7.84 11.82 -6.71
N ARG A 224 -8.76 12.71 -6.34
CA ARG A 224 -10.17 12.51 -6.64
C ARG A 224 -10.52 12.87 -8.08
N SER A 225 -9.71 13.74 -8.66
CA SER A 225 -9.93 14.19 -10.03
C SER A 225 -8.69 14.93 -10.49
N LEU A 226 -8.71 15.35 -11.76
CA LEU A 226 -7.59 16.09 -12.31
C LEU A 226 -7.45 17.39 -11.54
N GLU A 227 -8.57 18.05 -11.27
CA GLU A 227 -8.56 19.31 -10.54
C GLU A 227 -8.01 19.12 -9.13
N ASN A 228 -8.37 18.01 -8.48
CA ASN A 228 -7.88 17.73 -7.14
C ASN A 228 -6.36 17.60 -7.12
N VAL A 229 -5.78 17.15 -8.22
CA VAL A 229 -4.33 17.02 -8.29
C VAL A 229 -3.71 18.41 -8.20
N LEU A 230 -4.33 19.37 -8.89
CA LEU A 230 -3.86 20.74 -8.90
C LEU A 230 -4.03 21.38 -7.52
N GLU A 231 -4.97 20.88 -6.74
CA GLU A 231 -5.24 21.38 -5.40
C GLU A 231 -4.15 20.95 -4.42
N ILE A 232 -3.67 19.72 -4.57
CA ILE A 232 -2.64 19.19 -3.66
C ILE A 232 -1.20 19.39 -4.15
N ASN A 233 -1.04 19.64 -5.43
CA ASN A 233 0.29 19.86 -6.00
C ASN A 233 0.19 21.06 -6.94
N LYS A 234 0.31 22.26 -6.38
CA LYS A 234 0.21 23.49 -7.16
C LYS A 234 1.58 23.99 -7.62
N ARG A 235 2.50 23.05 -7.86
CA ARG A 235 3.85 23.38 -8.29
C ARG A 235 4.17 22.68 -9.61
N ILE A 236 3.13 22.15 -10.25
CA ILE A 236 3.29 21.46 -11.52
C ILE A 236 2.30 21.96 -12.56
N THR A 237 2.65 21.80 -13.83
CA THR A 237 1.80 22.23 -14.93
C THR A 237 0.60 21.30 -15.06
N GLU A 238 -0.49 21.83 -15.61
CA GLU A 238 -1.71 21.05 -15.80
C GLU A 238 -1.46 19.87 -16.73
N GLU A 239 -0.41 19.97 -17.53
CA GLU A 239 -0.06 18.92 -18.47
C GLU A 239 0.43 17.69 -17.71
N GLN A 240 1.42 17.90 -16.84
CA GLN A 240 1.97 16.80 -16.06
C GLN A 240 0.99 16.39 -14.96
N ALA A 241 -0.08 17.19 -14.79
CA ALA A 241 -1.10 16.89 -13.79
C ALA A 241 -1.99 15.81 -14.38
N ARG A 242 -2.14 15.85 -15.70
CA ARG A 242 -2.95 14.87 -16.41
C ARG A 242 -2.25 13.52 -16.28
N LYS A 243 -0.94 13.51 -16.50
CA LYS A 243 -0.15 12.30 -16.40
C LYS A 243 -0.29 11.73 -15.00
N ALA A 244 -0.02 12.58 -14.00
CA ALA A 244 -0.11 12.19 -12.61
C ALA A 244 -1.43 11.51 -12.28
N PHE A 245 -2.53 12.12 -12.70
CA PHE A 245 -3.85 11.56 -12.45
C PHE A 245 -4.03 10.20 -13.12
N ASP A 246 -3.53 10.07 -14.34
CA ASP A 246 -3.66 8.81 -15.06
C ASP A 246 -2.77 7.74 -14.44
N ARG A 247 -1.55 8.13 -14.07
CA ARG A 247 -0.63 7.19 -13.45
C ARG A 247 -1.24 6.70 -12.14
N ALA A 248 -1.93 7.59 -11.44
CA ALA A 248 -2.57 7.24 -10.17
C ALA A 248 -3.73 6.28 -10.39
N THR A 249 -4.53 6.55 -11.42
CA THR A 249 -5.65 5.68 -11.73
C THR A 249 -5.15 4.27 -12.03
N LYS A 250 -4.09 4.18 -12.83
CA LYS A 250 -3.51 2.89 -13.19
C LYS A 250 -2.87 2.18 -12.00
N LEU A 251 -2.26 2.96 -11.10
CA LEU A 251 -1.64 2.39 -9.91
C LEU A 251 -2.70 1.75 -9.01
N GLU A 252 -3.82 2.45 -8.84
CA GLU A 252 -4.89 1.93 -8.00
C GLU A 252 -5.50 0.68 -8.62
N GLN A 253 -5.65 0.69 -9.94
CA GLN A 253 -6.23 -0.46 -10.64
C GLN A 253 -5.39 -1.73 -10.47
N GLU A 254 -4.07 -1.58 -10.50
CA GLU A 254 -3.20 -2.73 -10.39
C GLU A 254 -2.72 -3.14 -9.00
N PHE A 255 -2.60 -2.19 -8.07
CA PHE A 255 -2.09 -2.55 -6.75
C PHE A 255 -2.95 -2.29 -5.51
N THR A 256 -4.26 -2.09 -5.69
CA THR A 256 -5.11 -1.83 -4.52
C THR A 256 -4.95 -2.82 -3.37
N GLU A 257 -4.86 -4.11 -3.67
CA GLU A 257 -4.73 -5.11 -2.61
C GLU A 257 -3.44 -4.97 -1.78
N CYS A 258 -2.43 -4.28 -2.31
CA CYS A 258 -1.17 -4.09 -1.60
C CYS A 258 -1.20 -2.89 -0.65
N PHE A 259 -2.14 -1.98 -0.86
CA PHE A 259 -2.24 -0.78 -0.01
C PHE A 259 -2.67 -1.08 1.41
N SER A 260 -2.03 -0.41 2.38
CA SER A 260 -2.41 -0.56 3.77
C SER A 260 -3.55 0.43 4.02
N ALA A 261 -3.50 1.53 3.29
CA ALA A 261 -4.51 2.58 3.42
C ALA A 261 -4.51 3.49 2.21
N ILE A 262 -5.61 4.21 2.03
CA ILE A 262 -5.74 5.14 0.94
C ILE A 262 -6.17 6.46 1.60
N VAL A 263 -5.49 7.55 1.26
CA VAL A 263 -5.84 8.84 1.85
C VAL A 263 -6.20 9.84 0.75
N GLU A 264 -7.11 10.76 1.07
CA GLU A 264 -7.54 11.79 0.14
C GLU A 264 -7.59 13.12 0.90
N GLY A 265 -7.56 14.23 0.17
CA GLY A 265 -7.62 15.53 0.80
C GLY A 265 -7.78 16.65 -0.21
N ASP A 266 -8.16 17.84 0.27
CA ASP A 266 -8.34 19.00 -0.60
C ASP A 266 -7.06 19.81 -0.68
N SER A 267 -6.04 19.39 0.07
CA SER A 267 -4.77 20.11 0.09
C SER A 267 -3.67 19.18 0.56
N PHE A 268 -2.43 19.52 0.25
CA PHE A 268 -1.33 18.67 0.69
C PHE A 268 -1.31 18.65 2.20
N GLU A 269 -1.62 19.78 2.84
CA GLU A 269 -1.62 19.83 4.29
C GLU A 269 -2.57 18.77 4.88
N GLU A 270 -3.73 18.59 4.24
CA GLU A 270 -4.68 17.59 4.71
C GLU A 270 -4.13 16.18 4.47
N ILE A 271 -3.50 15.97 3.32
CA ILE A 271 -2.92 14.66 3.02
C ILE A 271 -1.80 14.32 4.00
N TYR A 272 -0.90 15.28 4.23
CA TYR A 272 0.22 15.07 5.15
C TYR A 272 -0.29 14.70 6.53
N HIS A 273 -1.32 15.43 6.99
CA HIS A 273 -1.90 15.14 8.30
C HIS A 273 -2.42 13.70 8.35
N LYS A 274 -3.13 13.28 7.31
CA LYS A 274 -3.69 11.93 7.28
C LYS A 274 -2.62 10.85 7.17
N VAL A 275 -1.53 11.16 6.47
CA VAL A 275 -0.42 10.21 6.33
C VAL A 275 0.16 9.96 7.71
N LYS A 276 0.40 11.02 8.45
CA LYS A 276 0.96 10.89 9.79
C LYS A 276 0.02 10.07 10.68
N ARG A 277 -1.28 10.26 10.56
CA ARG A 277 -2.23 9.52 11.37
C ARG A 277 -2.26 8.03 11.02
N VAL A 278 -2.21 7.73 9.72
CA VAL A 278 -2.19 6.33 9.29
C VAL A 278 -0.96 5.64 9.86
N ILE A 279 0.19 6.29 9.75
CA ILE A 279 1.42 5.68 10.26
C ILE A 279 1.29 5.43 11.77
N GLU A 280 0.73 6.40 12.49
CA GLU A 280 0.53 6.25 13.93
C GLU A 280 -0.36 5.06 14.21
N ASP A 281 -1.48 4.96 13.48
CA ASP A 281 -2.44 3.87 13.67
C ASP A 281 -1.89 2.48 13.38
N LEU A 282 -1.07 2.36 12.34
CA LEU A 282 -0.54 1.06 11.94
C LEU A 282 0.87 0.70 12.40
N SER A 283 1.51 1.57 13.18
CA SER A 283 2.87 1.28 13.61
C SER A 283 3.04 0.11 14.57
N GLY A 284 2.00 -0.22 15.34
CA GLY A 284 2.12 -1.35 16.24
C GLY A 284 2.06 -0.96 17.71
N PRO A 285 2.58 -1.80 18.62
CA PRO A 285 3.24 -3.10 18.41
C PRO A 285 2.41 -4.20 17.75
N TYR A 286 1.09 -4.11 17.85
CA TYR A 286 0.25 -5.13 17.23
C TYR A 286 -0.30 -4.66 15.89
N ILE A 287 -0.07 -5.46 14.86
CA ILE A 287 -0.52 -5.11 13.51
C ILE A 287 -1.27 -6.26 12.86
N TRP A 288 -1.99 -5.95 11.79
CA TRP A 288 -2.74 -6.98 11.06
C TRP A 288 -2.02 -7.36 9.80
N VAL A 289 -1.79 -8.64 9.61
CA VAL A 289 -1.12 -9.14 8.43
C VAL A 289 -1.97 -10.22 7.78
N PRO A 290 -1.73 -10.51 6.49
CA PRO A 290 -2.52 -11.54 5.82
C PRO A 290 -2.46 -12.89 6.54
N ALA A 291 -3.62 -13.55 6.63
CA ALA A 291 -3.71 -14.84 7.30
C ALA A 291 -3.71 -15.96 6.27
N ARG A 292 -3.58 -17.19 6.73
CA ARG A 292 -3.58 -18.35 5.85
C ARG A 292 -5.00 -18.87 5.59
N GLU A 293 -5.97 -18.47 6.41
CA GLU A 293 -7.35 -18.90 6.21
C GLU A 293 -7.82 -18.40 4.86
N ARG A 294 -8.70 -19.16 4.21
CA ARG A 294 -9.23 -18.77 2.90
C ARG A 294 -10.75 -18.73 2.93
N LEU A 295 -11.31 -17.67 2.35
CA LEU A 295 -12.75 -17.47 2.29
C LEU A 295 -13.39 -18.36 1.22
#